data_7KCN
#
_entry.id   7KCN
#
_cell.length_a   67.030
_cell.length_b   67.030
_cell.length_c   116.890
_cell.angle_alpha   90.000
_cell.angle_beta   90.000
_cell.angle_gamma   90.000
#
_symmetry.space_group_name_H-M   'P 41 2 2'
#
loop_
_entity.id
_entity.type
_entity.pdbx_description
1 polymer 'HIUase-TTR ancestor'
2 non-polymer 1,2-ETHANEDIOL
3 non-polymer 'PHOSPHATE ION'
4 water water
#
_entity_poly.entity_id   1
_entity_poly.type   'polypeptide(L)'
_entity_poly.pdbx_seq_one_letter_code
;GHTAMASSESPLTTHVLNVAMGVPASNVTLRLYRQDPSSKTWQLLNTGITNEDGRYPGLITKELFTAGVYKLHFETAQYW
ASLGDTSFYPYVEIVFTINDPGQKYHVPLLLSRFSYSTYRGS
;
_entity_poly.pdbx_strand_id   A,B
#
# COMPACT_ATOMS: atom_id res chain seq x y z
N GLU A 9 -14.86 9.78 -2.19
CA GLU A 9 -15.99 9.61 -3.06
C GLU A 9 -15.59 9.58 -4.54
N SER A 10 -14.38 10.03 -4.88
CA SER A 10 -13.88 9.71 -6.21
C SER A 10 -13.73 8.19 -6.31
N PRO A 11 -14.13 7.56 -7.44
CA PRO A 11 -13.91 6.11 -7.54
C PRO A 11 -12.47 5.77 -7.75
N LEU A 12 -11.63 6.74 -8.13
CA LEU A 12 -10.22 6.52 -8.37
C LEU A 12 -9.45 7.22 -7.25
N THR A 13 -8.60 6.48 -6.58
CA THR A 13 -7.83 7.04 -5.49
C THR A 13 -6.37 6.67 -5.65
N THR A 14 -5.51 7.40 -4.93
CA THR A 14 -4.11 7.13 -4.97
C THR A 14 -3.53 7.30 -3.56
N HIS A 15 -2.28 6.93 -3.39
CA HIS A 15 -1.61 7.08 -2.11
C HIS A 15 -0.13 6.94 -2.37
N VAL A 16 0.63 8.00 -2.11
CA VAL A 16 2.05 8.03 -2.40
C VAL A 16 2.79 7.93 -1.08
N LEU A 17 3.65 6.94 -0.94
CA LEU A 17 4.43 6.74 0.27
C LEU A 17 5.90 6.92 0.01
N ASN A 18 6.58 7.63 0.90
CA ASN A 18 8.03 7.72 0.91
C ASN A 18 8.53 6.54 1.73
N VAL A 19 8.92 5.46 1.05
CA VAL A 19 9.34 4.25 1.76
C VAL A 19 10.79 4.32 2.20
N ALA A 20 11.53 5.31 1.80
CA ALA A 20 12.86 5.46 2.34
C ALA A 20 12.78 6.00 3.75
N MET A 21 11.81 6.88 4.00
CA MET A 21 11.70 7.52 5.31
C MET A 21 10.51 7.01 6.10
N GLY A 22 9.66 6.18 5.51
CA GLY A 22 8.53 5.63 6.22
C GLY A 22 7.45 6.63 6.53
N VAL A 23 7.19 7.59 5.65
CA VAL A 23 6.17 8.61 5.86
C VAL A 23 5.38 8.77 4.57
N PRO A 24 4.18 9.30 4.64
CA PRO A 24 3.48 9.68 3.40
C PRO A 24 4.27 10.72 2.63
N ALA A 25 4.18 10.63 1.29
CA ALA A 25 4.81 11.64 0.44
C ALA A 25 3.80 12.75 0.21
N SER A 26 3.88 13.79 1.03
CA SER A 26 3.00 14.93 0.90
C SER A 26 3.57 15.95 -0.09
N ASN A 27 2.70 16.81 -0.64
CA ASN A 27 3.11 17.92 -1.50
C ASN A 27 3.69 17.41 -2.81
N VAL A 28 3.27 16.23 -3.27
CA VAL A 28 3.68 15.73 -4.59
C VAL A 28 2.68 16.17 -5.63
N THR A 29 3.16 16.89 -6.67
CA THR A 29 2.27 17.28 -7.75
C THR A 29 1.92 16.06 -8.58
N LEU A 30 0.62 15.90 -8.83
CA LEU A 30 0.17 14.86 -9.72
C LEU A 30 -0.81 15.40 -10.74
N ARG A 31 -0.87 14.69 -11.88
CA ARG A 31 -1.81 15.00 -12.95
C ARG A 31 -2.48 13.71 -13.40
N LEU A 32 -3.76 13.77 -13.70
CA LEU A 32 -4.53 12.63 -14.20
C LEU A 32 -4.92 12.94 -15.62
N TYR A 33 -4.69 11.95 -16.50
CA TYR A 33 -5.09 12.02 -17.90
C TYR A 33 -5.94 10.81 -18.27
N ARG A 34 -6.74 10.97 -19.36
CA ARG A 34 -7.38 9.87 -20.05
C ARG A 34 -6.87 9.87 -21.49
N GLN A 35 -6.60 8.68 -22.07
CA GLN A 35 -6.19 8.65 -23.48
C GLN A 35 -7.37 9.05 -24.36
N ASP A 36 -7.12 9.97 -25.31
CA ASP A 36 -8.10 10.41 -26.27
C ASP A 36 -8.07 9.42 -27.44
N PRO A 37 -9.14 8.68 -27.68
CA PRO A 37 -9.10 7.65 -28.74
C PRO A 37 -9.04 8.20 -30.14
N SER A 38 -9.39 9.45 -30.34
CA SER A 38 -9.33 10.05 -31.66
C SER A 38 -7.92 10.50 -31.97
N SER A 39 -7.41 11.47 -31.21
CA SER A 39 -6.13 12.10 -31.44
C SER A 39 -4.97 11.25 -30.98
N LYS A 40 -5.22 10.18 -30.24
CA LYS A 40 -4.16 9.37 -29.66
C LYS A 40 -3.20 10.23 -28.85
N THR A 41 -3.75 11.17 -28.10
CA THR A 41 -2.95 11.96 -27.15
C THR A 41 -3.61 11.82 -25.79
N TRP A 42 -2.96 12.38 -24.78
CA TRP A 42 -3.44 12.30 -23.39
C TRP A 42 -4.26 13.54 -23.06
N GLN A 43 -5.48 13.36 -22.63
CA GLN A 43 -6.33 14.51 -22.28
C GLN A 43 -6.20 14.73 -20.77
N LEU A 44 -5.79 15.94 -20.36
CA LEU A 44 -5.67 16.24 -18.94
C LEU A 44 -7.06 16.37 -18.33
N LEU A 45 -7.22 15.74 -17.15
CA LEU A 45 -8.49 15.76 -16.45
C LEU A 45 -8.40 16.53 -15.13
N ASN A 46 -7.25 16.46 -14.45
CA ASN A 46 -7.18 17.10 -13.15
C ASN A 46 -5.72 17.19 -12.78
N THR A 47 -5.43 18.18 -11.92
CA THR A 47 -4.08 18.41 -11.38
CA THR A 47 -4.09 18.36 -11.37
C THR A 47 -4.22 18.75 -9.92
N GLY A 48 -3.28 18.30 -9.13
CA GLY A 48 -3.25 18.79 -7.74
C GLY A 48 -2.00 18.31 -7.05
N ILE A 49 -2.02 18.41 -5.72
CA ILE A 49 -0.87 18.04 -4.89
CA ILE A 49 -0.88 18.10 -4.86
C ILE A 49 -1.35 17.13 -3.78
N THR A 50 -0.58 16.06 -3.52
CA THR A 50 -0.97 15.16 -2.43
C THR A 50 -1.03 15.87 -1.08
N ASN A 51 -1.92 15.37 -0.21
CA ASN A 51 -2.17 15.97 1.09
C ASN A 51 -1.15 15.41 2.07
N GLU A 52 -1.34 15.73 3.36
CA GLU A 52 -0.37 15.29 4.34
C GLU A 52 -0.32 13.79 4.49
N ASP A 53 -1.38 13.08 4.09
CA ASP A 53 -1.38 11.63 4.14
C ASP A 53 -0.98 11.01 2.79
N GLY A 54 -0.48 11.84 1.84
CA GLY A 54 -0.05 11.30 0.57
C GLY A 54 -1.19 10.92 -0.32
N ARG A 55 -2.39 11.40 -0.07
CA ARG A 55 -3.56 11.04 -0.87
C ARG A 55 -4.06 12.27 -1.61
N TYR A 56 -5.01 12.05 -2.54
CA TYR A 56 -5.66 13.16 -3.22
C TYR A 56 -7.13 12.88 -3.42
N PRO A 57 -7.95 13.23 -2.45
CA PRO A 57 -9.38 13.02 -2.58
C PRO A 57 -9.92 13.84 -3.75
N GLY A 58 -10.97 13.33 -4.37
CA GLY A 58 -11.58 14.11 -5.46
C GLY A 58 -10.82 14.09 -6.79
N LEU A 59 -10.11 13.02 -7.11
CA LEU A 59 -9.38 12.96 -8.39
C LEU A 59 -10.33 13.07 -9.57
N ILE A 60 -11.45 12.34 -9.55
CA ILE A 60 -12.38 12.41 -10.68
C ILE A 60 -13.79 12.16 -10.17
N THR A 61 -14.77 12.84 -10.76
CA THR A 61 -16.15 12.52 -10.41
CA THR A 61 -16.18 12.56 -10.47
C THR A 61 -16.58 11.24 -11.12
N LYS A 62 -17.42 10.46 -10.45
CA LYS A 62 -17.97 9.27 -11.05
C LYS A 62 -18.56 9.52 -12.45
N GLU A 63 -19.19 10.69 -12.67
CA GLU A 63 -19.77 11.03 -13.97
C GLU A 63 -18.75 11.09 -15.09
N LEU A 64 -17.47 11.32 -14.78
CA LEU A 64 -16.43 11.37 -15.79
C LEU A 64 -15.58 10.11 -15.81
N PHE A 65 -15.85 9.14 -14.93
CA PHE A 65 -15.01 7.93 -14.85
C PHE A 65 -15.53 6.89 -15.84
N THR A 66 -15.27 7.16 -17.13
CA THR A 66 -15.68 6.23 -18.19
C THR A 66 -14.61 5.16 -18.42
N ALA A 67 -15.02 4.08 -19.06
CA ALA A 67 -14.04 3.04 -19.35
C ALA A 67 -13.01 3.59 -20.30
N GLY A 68 -11.77 3.11 -20.16
CA GLY A 68 -10.71 3.61 -21.03
C GLY A 68 -9.35 3.40 -20.39
N VAL A 69 -8.35 4.08 -20.94
CA VAL A 69 -6.99 4.02 -20.41
C VAL A 69 -6.65 5.37 -19.82
N TYR A 70 -6.18 5.33 -18.59
CA TYR A 70 -5.84 6.51 -17.80
C TYR A 70 -4.37 6.53 -17.46
N LYS A 71 -3.87 7.71 -17.11
CA LYS A 71 -2.49 7.88 -16.71
CA LYS A 71 -2.47 7.89 -16.73
C LYS A 71 -2.43 8.80 -15.50
N LEU A 72 -1.73 8.36 -14.47
CA LEU A 72 -1.37 9.21 -13.35
C LEU A 72 0.09 9.56 -13.46
N HIS A 73 0.39 10.85 -13.37
CA HIS A 73 1.75 11.36 -13.53
C HIS A 73 2.13 12.06 -12.24
N PHE A 74 3.24 11.67 -11.65
CA PHE A 74 3.69 12.18 -10.38
C PHE A 74 5.04 12.85 -10.53
N GLU A 75 5.18 14.07 -10.00
CA GLU A 75 6.43 14.83 -10.14
C GLU A 75 7.41 14.44 -9.05
N THR A 76 8.02 13.26 -9.25
CA THR A 76 8.84 12.63 -8.22
C THR A 76 10.17 13.35 -7.97
N ALA A 77 10.88 13.78 -9.03
CA ALA A 77 12.16 14.42 -8.77
C ALA A 77 11.97 15.73 -8.04
N GLN A 78 10.88 16.45 -8.33
CA GLN A 78 10.62 17.70 -7.62
CA GLN A 78 10.60 17.71 -7.63
C GLN A 78 10.35 17.44 -6.15
N TYR A 79 9.66 16.34 -5.85
CA TYR A 79 9.44 15.96 -4.44
C TYR A 79 10.77 15.76 -3.74
N TRP A 80 11.66 14.91 -4.31
CA TRP A 80 12.91 14.66 -3.61
C TRP A 80 13.75 15.92 -3.52
N ALA A 81 13.70 16.79 -4.55
CA ALA A 81 14.44 18.05 -4.47
C ALA A 81 13.91 18.90 -3.31
N SER A 82 12.59 18.86 -3.06
CA SER A 82 12.05 19.63 -1.92
C SER A 82 12.55 19.14 -0.57
N LEU A 83 13.07 17.92 -0.52
CA LEU A 83 13.62 17.34 0.70
C LEU A 83 15.12 17.49 0.73
N GLY A 84 15.68 18.15 -0.28
CA GLY A 84 17.12 18.36 -0.34
C GLY A 84 17.91 17.28 -1.06
N ASP A 85 17.25 16.41 -1.85
CA ASP A 85 17.90 15.21 -2.39
C ASP A 85 17.77 15.20 -3.91
N THR A 86 18.66 14.46 -4.55
CA THR A 86 18.50 14.10 -5.95
C THR A 86 17.86 12.72 -6.05
N SER A 87 17.47 12.34 -7.26
CA SER A 87 16.79 11.05 -7.45
C SER A 87 16.85 10.67 -8.93
N PHE A 88 16.49 9.41 -9.20
CA PHE A 88 16.77 8.82 -10.50
C PHE A 88 15.69 9.11 -11.55
N TYR A 89 14.45 9.33 -11.11
CA TYR A 89 13.30 9.44 -11.99
C TYR A 89 12.75 10.84 -12.07
N PRO A 90 12.87 11.54 -13.21
CA PRO A 90 12.24 12.88 -13.29
C PRO A 90 10.79 12.86 -12.88
N TYR A 91 10.05 11.85 -13.32
CA TYR A 91 8.67 11.70 -12.93
C TYR A 91 8.33 10.24 -13.05
N VAL A 92 7.15 9.87 -12.56
CA VAL A 92 6.65 8.48 -12.67
C VAL A 92 5.25 8.58 -13.24
N GLU A 93 4.97 7.82 -14.30
CA GLU A 93 3.64 7.71 -14.87
C GLU A 93 3.20 6.26 -14.69
N ILE A 94 1.94 6.10 -14.29
CA ILE A 94 1.30 4.79 -14.22
C ILE A 94 0.15 4.81 -15.22
N VAL A 95 0.17 3.90 -16.20
CA VAL A 95 -0.79 3.82 -17.29
C VAL A 95 -1.61 2.57 -17.03
N PHE A 96 -2.93 2.72 -16.91
CA PHE A 96 -3.76 1.60 -16.48
C PHE A 96 -5.13 1.59 -17.14
N THR A 97 -5.71 0.40 -17.24
CA THR A 97 -6.98 0.20 -17.93
C THR A 97 -8.11 0.16 -16.92
N ILE A 98 -9.15 1.00 -17.15
CA ILE A 98 -10.38 0.99 -16.38
C ILE A 98 -11.45 0.39 -17.29
N ASN A 99 -11.82 -0.86 -17.05
CA ASN A 99 -12.86 -1.46 -17.87
C ASN A 99 -14.23 -1.53 -17.20
N ASP A 100 -14.31 -1.09 -15.94
CA ASP A 100 -15.58 -1.17 -15.20
C ASP A 100 -15.78 0.13 -14.45
N PRO A 101 -16.54 1.06 -15.02
CA PRO A 101 -16.78 2.36 -14.37
C PRO A 101 -17.53 2.25 -13.06
N GLY A 102 -17.98 1.05 -12.69
CA GLY A 102 -18.70 0.83 -11.45
C GLY A 102 -17.85 0.32 -10.31
N GLN A 103 -16.57 -0.01 -10.52
CA GLN A 103 -15.70 -0.47 -9.47
C GLN A 103 -14.88 0.73 -8.97
N LYS A 104 -14.36 0.58 -7.76
CA LYS A 104 -13.33 1.44 -7.22
C LYS A 104 -11.95 0.94 -7.60
N TYR A 105 -11.04 1.88 -7.87
CA TYR A 105 -9.68 1.58 -8.22
C TYR A 105 -8.73 2.40 -7.37
N HIS A 106 -7.86 1.74 -6.63
CA HIS A 106 -6.87 2.37 -5.80
C HIS A 106 -5.50 2.06 -6.33
N VAL A 107 -4.68 3.09 -6.53
CA VAL A 107 -3.42 3.01 -7.29
C VAL A 107 -2.32 3.61 -6.41
N PRO A 108 -1.80 2.87 -5.43
CA PRO A 108 -0.69 3.39 -4.61
C PRO A 108 0.62 3.45 -5.41
N LEU A 109 1.54 4.30 -4.91
CA LEU A 109 2.88 4.47 -5.46
C LEU A 109 3.87 4.54 -4.29
N LEU A 110 4.82 3.65 -4.25
CA LEU A 110 5.84 3.57 -3.22
C LEU A 110 7.13 4.12 -3.81
N LEU A 111 7.73 5.11 -3.15
CA LEU A 111 8.90 5.83 -3.72
C LEU A 111 10.11 5.78 -2.82
N SER A 112 11.27 5.54 -3.45
CA SER A 112 12.53 5.93 -2.84
C SER A 112 13.28 6.74 -3.92
N ARG A 113 14.46 7.27 -3.57
CA ARG A 113 15.21 8.03 -4.57
C ARG A 113 15.58 7.20 -5.77
N PHE A 114 15.71 5.87 -5.61
CA PHE A 114 16.23 4.97 -6.65
C PHE A 114 15.39 3.74 -6.81
N SER A 115 14.10 3.82 -6.51
CA SER A 115 13.17 2.74 -6.84
C SER A 115 11.76 3.24 -6.76
N TYR A 116 10.85 2.54 -7.39
CA TYR A 116 9.45 2.76 -7.13
C TYR A 116 8.67 1.52 -7.44
N SER A 117 7.47 1.45 -6.88
CA SER A 117 6.61 0.28 -7.02
CA SER A 117 6.61 0.34 -7.21
C SER A 117 5.16 0.73 -7.06
N THR A 118 4.30 0.02 -7.77
CA THR A 118 2.89 0.30 -7.81
C THR A 118 2.11 -0.98 -7.92
N TYR A 119 0.86 -0.95 -7.53
CA TYR A 119 0.01 -2.12 -7.60
C TYR A 119 -1.44 -1.67 -7.60
N ARG A 120 -2.32 -2.56 -8.02
CA ARG A 120 -3.73 -2.24 -7.74
C ARG A 120 -4.02 -2.61 -6.30
N GLY A 121 -4.33 -1.62 -5.43
CA GLY A 121 -4.61 -1.86 -4.02
C GLY A 121 -6.10 -2.10 -3.81
N SER A 122 -6.54 -1.85 -2.59
CA SER A 122 -7.97 -1.98 -2.30
C SER A 122 -8.29 -1.03 -1.15
N ALA B 6 -10.71 9.79 19.41
CA ALA B 6 -10.03 9.15 18.29
C ALA B 6 -10.84 8.01 17.69
N SER B 7 -10.12 7.03 17.14
CA SER B 7 -10.69 5.82 16.55
C SER B 7 -10.46 4.64 17.49
N SER B 8 -11.40 3.69 17.49
CA SER B 8 -11.22 2.47 18.27
C SER B 8 -10.49 1.37 17.50
N GLU B 9 -9.91 1.69 16.33
CA GLU B 9 -9.16 0.69 15.58
C GLU B 9 -7.83 0.34 16.26
N SER B 10 -7.36 -0.88 16.06
CA SER B 10 -6.04 -1.30 16.52
C SER B 10 -4.96 -0.31 16.02
N PRO B 11 -3.97 0.04 16.84
CA PRO B 11 -2.87 0.92 16.35
C PRO B 11 -1.97 0.23 15.37
N LEU B 12 -1.92 -1.11 15.36
CA LEU B 12 -1.16 -1.85 14.38
C LEU B 12 -2.13 -2.50 13.43
N THR B 13 -1.95 -2.25 12.12
CA THR B 13 -2.83 -2.84 11.13
C THR B 13 -1.98 -3.46 10.03
N THR B 14 -2.64 -4.32 9.25
CA THR B 14 -2.01 -4.95 8.12
C THR B 14 -2.98 -4.95 6.93
N HIS B 15 -2.46 -5.35 5.80
CA HIS B 15 -3.29 -5.48 4.60
C HIS B 15 -2.51 -6.37 3.66
N VAL B 16 -3.07 -7.55 3.32
CA VAL B 16 -2.40 -8.50 2.44
C VAL B 16 -3.08 -8.41 1.08
N LEU B 17 -2.28 -8.12 0.04
CA LEU B 17 -2.76 -7.98 -1.32
C LEU B 17 -2.20 -9.11 -2.16
N ASN B 18 -3.06 -9.80 -2.89
CA ASN B 18 -2.63 -10.77 -3.89
C ASN B 18 -2.37 -9.95 -5.16
N VAL B 19 -1.10 -9.64 -5.42
CA VAL B 19 -0.75 -8.79 -6.56
C VAL B 19 -0.69 -9.57 -7.85
N ALA B 20 -0.78 -10.89 -7.80
CA ALA B 20 -0.86 -11.67 -9.03
C ALA B 20 -2.23 -11.54 -9.66
N MET B 21 -3.27 -11.48 -8.82
CA MET B 21 -4.66 -11.38 -9.27
C MET B 21 -5.27 -10.01 -9.02
N GLY B 22 -4.59 -9.10 -8.35
CA GLY B 22 -5.11 -7.75 -8.17
C GLY B 22 -6.26 -7.64 -7.18
N VAL B 23 -6.32 -8.54 -6.20
CA VAL B 23 -7.39 -8.59 -5.21
C VAL B 23 -6.80 -8.71 -3.81
N PRO B 24 -7.58 -8.37 -2.78
CA PRO B 24 -7.13 -8.62 -1.41
C PRO B 24 -6.93 -10.11 -1.21
N ALA B 25 -5.91 -10.46 -0.38
CA ALA B 25 -5.67 -11.87 -0.02
C ALA B 25 -6.48 -12.18 1.23
N SER B 26 -7.67 -12.75 1.03
CA SER B 26 -8.53 -13.12 2.15
C SER B 26 -8.20 -14.52 2.63
N ASN B 27 -8.56 -14.82 3.89
CA ASN B 27 -8.40 -16.17 4.43
C ASN B 27 -6.93 -16.55 4.70
N VAL B 28 -6.06 -15.57 4.88
CA VAL B 28 -4.64 -15.84 5.16
C VAL B 28 -4.50 -15.92 6.68
N THR B 29 -3.98 -17.02 7.20
CA THR B 29 -3.73 -17.12 8.63
C THR B 29 -2.52 -16.27 9.01
N LEU B 30 -2.65 -15.47 10.05
CA LEU B 30 -1.53 -14.70 10.54
CA LEU B 30 -1.54 -14.67 10.53
C LEU B 30 -1.42 -14.80 12.04
N ARG B 31 -0.20 -14.53 12.54
CA ARG B 31 0.06 -14.55 13.99
C ARG B 31 0.96 -13.38 14.34
N LEU B 32 0.74 -12.73 15.48
CA LEU B 32 1.53 -11.59 15.94
C LEU B 32 2.26 -11.97 17.22
N TYR B 33 3.56 -11.73 17.28
CA TYR B 33 4.38 -12.00 18.45
C TYR B 33 5.12 -10.74 18.87
N ARG B 34 5.52 -10.70 20.15
CA ARG B 34 6.46 -9.71 20.64
C ARG B 34 7.62 -10.39 21.35
N GLN B 35 8.82 -9.88 21.14
CA GLN B 35 10.01 -10.50 21.72
C GLN B 35 10.24 -10.02 23.14
N ASP B 36 10.66 -10.96 23.99
CA ASP B 36 11.15 -10.67 25.32
C ASP B 36 12.54 -10.08 25.19
N PRO B 37 12.77 -8.85 25.63
CA PRO B 37 14.09 -8.24 25.43
C PRO B 37 15.21 -8.94 26.21
N SER B 38 14.89 -9.64 27.30
CA SER B 38 15.86 -10.34 28.13
C SER B 38 16.17 -11.75 27.62
N SER B 39 15.14 -12.56 27.39
CA SER B 39 15.32 -13.93 26.95
C SER B 39 15.40 -14.07 25.43
N LYS B 40 14.97 -13.05 24.70
CA LYS B 40 14.90 -13.11 23.24
C LYS B 40 13.85 -14.08 22.71
N THR B 41 13.04 -14.67 23.58
CA THR B 41 11.96 -15.54 23.11
C THR B 41 10.79 -14.70 22.58
N TRP B 42 9.94 -15.34 21.77
CA TRP B 42 8.80 -14.69 21.14
C TRP B 42 7.53 -15.09 21.87
N GLN B 43 6.77 -14.10 22.34
CA GLN B 43 5.50 -14.33 23.03
C GLN B 43 4.41 -14.13 21.95
N LEU B 44 3.53 -15.12 21.79
CA LEU B 44 2.38 -15.02 20.90
C LEU B 44 1.36 -14.10 21.53
N LEU B 45 0.95 -13.05 20.81
CA LEU B 45 -0.04 -12.10 21.27
C LEU B 45 -1.40 -12.28 20.63
N ASN B 46 -1.49 -12.71 19.37
CA ASN B 46 -2.78 -12.79 18.69
C ASN B 46 -2.65 -13.68 17.46
N THR B 47 -3.77 -14.24 17.05
CA THR B 47 -3.84 -14.98 15.79
C THR B 47 -5.12 -14.59 15.08
N GLY B 48 -5.12 -14.75 13.77
CA GLY B 48 -6.28 -14.30 13.03
C GLY B 48 -6.22 -14.82 11.61
N ILE B 49 -7.29 -14.55 10.86
CA ILE B 49 -7.39 -14.88 9.44
C ILE B 49 -7.83 -13.61 8.73
N THR B 50 -7.15 -13.24 7.63
CA THR B 50 -7.53 -12.00 6.98
C THR B 50 -8.95 -12.06 6.43
N ASN B 51 -9.60 -10.91 6.45
CA ASN B 51 -10.98 -10.79 5.98
C ASN B 51 -11.05 -10.61 4.47
N GLU B 52 -12.27 -10.34 3.98
CA GLU B 52 -12.48 -10.22 2.54
C GLU B 52 -11.69 -9.09 1.93
N ASP B 53 -11.29 -8.09 2.71
CA ASP B 53 -10.47 -6.98 2.24
C ASP B 53 -9.00 -7.17 2.55
N GLY B 54 -8.60 -8.37 2.98
CA GLY B 54 -7.20 -8.67 3.25
C GLY B 54 -6.68 -8.05 4.54
N ARG B 55 -7.57 -7.60 5.43
CA ARG B 55 -7.16 -6.91 6.64
C ARG B 55 -7.52 -7.75 7.86
N TYR B 56 -6.99 -7.35 9.01
CA TYR B 56 -7.36 -8.05 10.25
C TYR B 56 -7.59 -7.03 11.35
N PRO B 57 -8.81 -6.51 11.46
CA PRO B 57 -9.07 -5.55 12.52
C PRO B 57 -8.83 -6.18 13.88
N GLY B 58 -8.38 -5.35 14.81
CA GLY B 58 -8.16 -5.91 16.15
C GLY B 58 -6.87 -6.71 16.34
N LEU B 59 -5.83 -6.44 15.56
CA LEU B 59 -4.58 -7.17 15.71
C LEU B 59 -4.03 -7.02 17.12
N ILE B 60 -4.12 -5.82 17.69
CA ILE B 60 -3.69 -5.65 19.07
C ILE B 60 -4.45 -4.48 19.62
N THR B 61 -4.60 -4.44 20.92
CA THR B 61 -5.24 -3.28 21.51
C THR B 61 -4.21 -2.20 21.80
N LYS B 62 -4.70 -0.96 21.92
CA LYS B 62 -3.81 0.11 22.33
C LYS B 62 -3.18 -0.19 23.69
N GLU B 63 -3.94 -0.81 24.60
CA GLU B 63 -3.39 -1.10 25.94
C GLU B 63 -2.18 -2.03 25.85
N LEU B 64 -2.21 -2.99 24.94
CA LEU B 64 -1.11 -3.95 24.94
C LEU B 64 0.00 -3.57 23.96
N PHE B 65 -0.19 -2.56 23.13
CA PHE B 65 0.80 -2.15 22.13
C PHE B 65 1.82 -1.23 22.80
N THR B 66 2.75 -1.86 23.50
CA THR B 66 3.87 -1.18 24.14
C THR B 66 5.13 -1.30 23.28
N ALA B 67 6.12 -0.50 23.62
CA ALA B 67 7.32 -0.46 22.81
C ALA B 67 8.02 -1.82 22.86
N GLY B 68 8.59 -2.21 21.71
CA GLY B 68 9.29 -3.47 21.63
C GLY B 68 9.49 -3.92 20.19
N VAL B 69 9.96 -5.16 20.08
CA VAL B 69 10.16 -5.76 18.77
C VAL B 69 9.03 -6.75 18.50
N TYR B 70 8.34 -6.57 17.36
CA TYR B 70 7.18 -7.38 17.04
C TYR B 70 7.48 -8.21 15.79
N LYS B 71 6.71 -9.27 15.60
CA LYS B 71 6.83 -10.16 14.44
CA LYS B 71 6.82 -10.11 14.42
C LYS B 71 5.42 -10.45 13.94
N LEU B 72 5.17 -10.25 12.64
CA LEU B 72 3.94 -10.77 12.01
C LEU B 72 4.33 -11.95 11.16
N HIS B 73 3.58 -13.03 11.25
CA HIS B 73 3.88 -14.28 10.55
C HIS B 73 2.65 -14.61 9.70
N PHE B 74 2.83 -14.75 8.38
CA PHE B 74 1.73 -15.04 7.45
C PHE B 74 1.90 -16.41 6.83
N GLU B 75 0.83 -17.23 6.82
CA GLU B 75 0.88 -18.57 6.24
C GLU B 75 0.64 -18.47 4.74
N THR B 76 1.69 -18.07 4.02
CA THR B 76 1.59 -17.77 2.59
C THR B 76 1.41 -19.04 1.74
N ALA B 77 2.15 -20.11 2.01
CA ALA B 77 2.00 -21.26 1.14
C ALA B 77 0.59 -21.88 1.29
N GLN B 78 0.03 -21.86 2.49
CA GLN B 78 -1.32 -22.38 2.70
C GLN B 78 -2.32 -21.56 1.91
N TYR B 79 -2.12 -20.25 1.85
CA TYR B 79 -2.99 -19.39 1.03
C TYR B 79 -2.93 -19.81 -0.43
N TRP B 80 -1.73 -19.86 -1.01
CA TRP B 80 -1.63 -20.28 -2.40
C TRP B 80 -2.17 -21.70 -2.60
N ALA B 81 -1.89 -22.63 -1.68
CA ALA B 81 -2.41 -23.99 -1.84
C ALA B 81 -3.94 -24.01 -1.87
N SER B 82 -4.57 -23.11 -1.12
CA SER B 82 -6.03 -23.07 -1.11
C SER B 82 -6.59 -22.60 -2.45
N LEU B 83 -5.78 -21.93 -3.27
CA LEU B 83 -6.12 -21.54 -4.63
C LEU B 83 -5.60 -22.53 -5.65
N GLY B 84 -5.01 -23.64 -5.21
CA GLY B 84 -4.52 -24.66 -6.11
C GLY B 84 -3.13 -24.42 -6.66
N ASP B 85 -2.32 -23.57 -6.03
CA ASP B 85 -1.04 -23.15 -6.58
C ASP B 85 0.10 -23.50 -5.64
N THR B 86 1.24 -23.88 -6.21
CA THR B 86 2.46 -23.95 -5.41
C THR B 86 2.97 -22.53 -5.20
N SER B 87 3.93 -22.38 -4.30
CA SER B 87 4.55 -21.08 -4.13
C SER B 87 5.90 -21.18 -3.44
N PHE B 88 6.67 -20.10 -3.52
CA PHE B 88 8.10 -20.17 -3.15
C PHE B 88 8.32 -20.11 -1.65
N TYR B 89 7.44 -19.43 -0.93
CA TYR B 89 7.69 -19.10 0.49
C TYR B 89 6.73 -19.87 1.37
N PRO B 90 7.17 -20.81 2.19
CA PRO B 90 6.23 -21.48 3.09
C PRO B 90 5.44 -20.52 3.97
N TYR B 91 6.12 -19.49 4.46
CA TYR B 91 5.50 -18.42 5.25
C TYR B 91 6.35 -17.19 5.08
N VAL B 92 5.81 -16.05 5.53
CA VAL B 92 6.56 -14.79 5.53
C VAL B 92 6.47 -14.22 6.92
N GLU B 93 7.62 -13.84 7.48
CA GLU B 93 7.68 -13.11 8.74
C GLU B 93 8.26 -11.73 8.55
N ILE B 94 7.62 -10.75 9.18
CA ILE B 94 8.09 -9.38 9.14
C ILE B 94 8.37 -9.01 10.59
N VAL B 95 9.62 -8.66 10.90
CA VAL B 95 10.10 -8.36 12.23
C VAL B 95 10.40 -6.86 12.24
N PHE B 96 9.82 -6.13 13.22
CA PHE B 96 9.87 -4.68 13.15
C PHE B 96 9.93 -4.09 14.56
N THR B 97 10.56 -2.92 14.67
CA THR B 97 10.83 -2.24 15.94
C THR B 97 9.81 -1.14 16.14
N ILE B 98 9.14 -1.17 17.31
CA ILE B 98 8.20 -0.13 17.73
C ILE B 98 8.88 0.60 18.88
N ASN B 99 9.51 1.77 18.60
CA ASN B 99 10.11 2.53 19.71
C ASN B 99 9.13 3.54 20.27
N ASP B 100 8.20 4.00 19.43
CA ASP B 100 7.20 4.99 19.83
C ASP B 100 5.81 4.38 19.68
N PRO B 101 5.27 3.79 20.73
CA PRO B 101 3.95 3.18 20.61
C PRO B 101 2.82 4.20 20.55
N GLY B 102 3.13 5.50 20.54
CA GLY B 102 2.11 6.52 20.34
C GLY B 102 1.71 6.73 18.89
N GLN B 103 2.40 6.10 17.96
CA GLN B 103 2.07 6.20 16.55
C GLN B 103 1.23 5.02 16.09
N LYS B 104 0.55 5.20 14.96
CA LYS B 104 -0.10 4.13 14.20
C LYS B 104 0.93 3.52 13.26
N TYR B 105 0.86 2.20 13.13
CA TYR B 105 1.77 1.46 12.26
C TYR B 105 0.96 0.57 11.34
N HIS B 106 1.16 0.77 10.05
CA HIS B 106 0.48 -0.05 9.06
C HIS B 106 1.56 -0.86 8.35
N VAL B 107 1.42 -2.17 8.35
CA VAL B 107 2.50 -3.11 7.93
C VAL B 107 1.89 -4.01 6.85
N PRO B 108 1.75 -3.53 5.61
CA PRO B 108 1.11 -4.32 4.55
C PRO B 108 2.06 -5.35 3.96
N LEU B 109 1.48 -6.29 3.21
CA LEU B 109 2.25 -7.34 2.58
C LEU B 109 1.69 -7.53 1.18
N LEU B 110 2.54 -7.33 0.16
CA LEU B 110 2.14 -7.47 -1.23
C LEU B 110 2.69 -8.82 -1.65
N LEU B 111 1.83 -9.69 -2.14
CA LEU B 111 2.15 -11.08 -2.30
CA LEU B 111 2.16 -11.11 -2.31
C LEU B 111 1.93 -11.59 -3.73
N SER B 112 2.90 -12.33 -4.26
CA SER B 112 2.62 -13.22 -5.38
C SER B 112 3.25 -14.58 -5.04
N ARG B 113 3.10 -15.58 -5.92
CA ARG B 113 3.66 -16.92 -5.64
C ARG B 113 5.19 -16.86 -5.52
N PHE B 114 5.85 -15.93 -6.20
CA PHE B 114 7.32 -15.90 -6.29
C PHE B 114 7.90 -14.54 -5.92
N SER B 115 7.18 -13.71 -5.14
CA SER B 115 7.73 -12.45 -4.68
C SER B 115 6.88 -11.93 -3.54
N TYR B 116 7.47 -11.09 -2.70
CA TYR B 116 6.68 -10.28 -1.80
C TYR B 116 7.41 -9.02 -1.40
N SER B 117 6.65 -8.05 -0.89
CA SER B 117 7.24 -6.83 -0.44
CA SER B 117 7.13 -6.72 -0.57
C SER B 117 6.39 -6.24 0.67
N THR B 118 7.04 -5.41 1.45
CA THR B 118 6.40 -4.81 2.61
C THR B 118 7.00 -3.45 2.85
N TYR B 119 6.27 -2.62 3.56
CA TYR B 119 6.77 -1.30 3.89
C TYR B 119 6.03 -0.79 5.12
N ARG B 120 6.57 0.23 5.77
CA ARG B 120 5.89 0.92 6.89
C ARG B 120 5.01 1.97 6.22
N GLY B 121 3.73 1.57 5.92
CA GLY B 121 2.77 2.36 5.15
C GLY B 121 2.05 3.34 6.05
N SER B 122 0.79 3.71 5.67
CA SER B 122 -0.03 4.50 6.61
C SER B 122 -1.52 4.57 6.34
#